data_1JHV
#
_entry.id   1JHV
#
_cell.length_a   71.860
_cell.length_b   90.020
_cell.length_c   47.590
_cell.angle_alpha   90.00
_cell.angle_beta   90.00
_cell.angle_gamma   90.00
#
_symmetry.space_group_name_H-M   'P 21 21 2'
#
loop_
_entity.id
_entity.type
_entity.pdbx_description
1 polymer 'Nicotinate Mononucleotide:5,6-Dimethylbenzimidazole Phosphoribosyltransferase'
2 non-polymer 'PHOSPHATE ION'
3 non-polymer P-CRESOL
4 non-polymer 'NICOTINIC ACID'
5 water water
#
_entity_poly.entity_id   1
_entity_poly.type   'polypeptide(L)'
_entity_poly.pdbx_seq_one_letter_code
;MQTLHALLRDIPAPDAEAMARTQQHIDGLLKPPGSLGRLETLAVQLAGMPGLNGTPQVGEKAVLVMCADHGVWDEGVAVS
PKIVTAIQAANMTRGTTGVCVLAAQAGAKVHVIDVGIDAEPIPGVVNMRVARGCGNIAVGPAMSRLQAEALLLEVSRYTC
DLAQRGVTLFGVGELGMANTTPAAAMVSVFTGSDAKEVVGIGANLPPSRIDNKVDVVRRAIAINQPNPRDGIDVLSKVGG
FDLVGMTGVMLGAARCGLPVLLDGFLSYSAALAACQIAPAVRPYLIPSHFSAEKGARIALAHLSMEPYLHMAMRLGEGSG
AALAMPIVEAACAMFHNMGELAASNIVLPEGNANAT
;
_entity_poly.pdbx_strand_id   A
#
loop_
_chem_comp.id
_chem_comp.type
_chem_comp.name
_chem_comp.formula
NIO non-polymer 'NICOTINIC ACID' 'C6 H5 N O2'
PCR non-polymer P-CRESOL 'C7 H8 O'
PO4 non-polymer 'PHOSPHATE ION' 'O4 P -3'
#
# COMPACT_ATOMS: atom_id res chain seq x y z
N LEU A 4 -17.14 -3.73 11.26
CA LEU A 4 -16.19 -4.23 10.25
C LEU A 4 -16.87 -4.88 9.08
N HIS A 5 -17.88 -5.68 9.37
CA HIS A 5 -18.62 -6.29 8.28
C HIS A 5 -19.46 -5.15 7.70
N ALA A 6 -19.79 -4.19 8.56
CA ALA A 6 -20.51 -3.00 8.19
C ALA A 6 -19.65 -2.23 7.22
N LEU A 7 -18.45 -1.98 7.71
CA LEU A 7 -17.44 -1.29 6.97
C LEU A 7 -17.31 -1.90 5.60
N LEU A 8 -17.09 -3.21 5.57
CA LEU A 8 -16.90 -3.89 4.30
C LEU A 8 -18.14 -3.83 3.41
N ARG A 9 -19.29 -3.85 4.05
CA ARG A 9 -20.54 -3.82 3.34
C ARG A 9 -20.73 -2.52 2.58
N ASP A 10 -20.37 -1.45 3.25
CA ASP A 10 -20.55 -0.12 2.71
C ASP A 10 -19.52 0.42 1.72
N ILE A 11 -18.55 -0.36 1.25
CA ILE A 11 -17.60 0.18 0.26
C ILE A 11 -18.38 0.44 -1.01
N PRO A 12 -18.26 1.65 -1.54
CA PRO A 12 -19.02 1.99 -2.74
C PRO A 12 -18.47 1.44 -4.01
N ALA A 13 -19.37 1.18 -4.94
CA ALA A 13 -18.92 0.75 -6.25
C ALA A 13 -18.50 2.02 -6.99
N PRO A 14 -17.69 1.87 -8.04
CA PRO A 14 -17.29 3.02 -8.82
C PRO A 14 -18.46 3.57 -9.64
N ASP A 15 -18.41 4.87 -9.87
CA ASP A 15 -19.45 5.57 -10.62
C ASP A 15 -19.24 5.49 -12.13
N ALA A 16 -19.92 4.54 -12.76
CA ALA A 16 -19.81 4.34 -14.19
C ALA A 16 -20.26 5.56 -14.99
N GLU A 17 -21.20 6.30 -14.44
CA GLU A 17 -21.71 7.45 -15.17
C GLU A 17 -20.65 8.51 -15.30
N ALA A 18 -19.96 8.78 -14.17
CA ALA A 18 -18.91 9.79 -14.13
C ALA A 18 -17.79 9.39 -15.05
N MET A 19 -17.47 8.09 -15.06
CA MET A 19 -16.41 7.53 -15.90
C MET A 19 -16.73 7.69 -17.38
N ALA A 20 -17.98 7.45 -17.75
CA ALA A 20 -18.37 7.62 -19.13
C ALA A 20 -18.18 9.10 -19.55
N ARG A 21 -18.59 10.02 -18.68
CA ARG A 21 -18.45 11.44 -18.97
C ARG A 21 -16.97 11.81 -19.06
N THR A 22 -16.19 11.20 -18.21
CA THR A 22 -14.78 11.47 -18.23
C THR A 22 -14.14 11.03 -19.53
N GLN A 23 -14.48 9.81 -19.92
CA GLN A 23 -13.93 9.27 -21.13
C GLN A 23 -14.20 10.16 -22.36
N GLN A 24 -15.46 10.55 -22.50
CA GLN A 24 -15.84 11.39 -23.63
C GLN A 24 -15.06 12.71 -23.61
N HIS A 25 -14.87 13.26 -22.42
CA HIS A 25 -14.15 14.50 -22.31
C HIS A 25 -12.69 14.37 -22.76
N ILE A 26 -12.08 13.29 -22.31
CA ILE A 26 -10.71 12.98 -22.65
C ILE A 26 -10.55 12.80 -24.14
N ASP A 27 -11.51 12.12 -24.72
CA ASP A 27 -11.43 11.87 -26.14
C ASP A 27 -11.43 13.17 -26.94
N GLY A 28 -12.08 14.21 -26.41
CA GLY A 28 -12.17 15.47 -27.12
C GLY A 28 -10.98 16.43 -26.95
N LEU A 29 -9.98 16.02 -26.18
CA LEU A 29 -8.86 16.90 -25.96
C LEU A 29 -7.96 17.02 -27.18
N LEU A 30 -7.14 18.05 -27.16
CA LEU A 30 -6.21 18.43 -28.20
C LEU A 30 -5.09 17.38 -28.36
N LYS A 31 -5.43 16.24 -28.90
CA LYS A 31 -4.46 15.16 -29.10
C LYS A 31 -5.13 14.04 -29.83
N PRO A 32 -4.34 13.15 -30.42
CA PRO A 32 -4.92 11.99 -31.07
C PRO A 32 -5.53 11.14 -29.97
N PRO A 33 -6.70 10.62 -30.26
CA PRO A 33 -7.37 9.82 -29.28
C PRO A 33 -6.52 8.64 -28.80
N GLY A 34 -6.51 8.51 -27.47
CA GLY A 34 -5.77 7.49 -26.74
C GLY A 34 -4.27 7.74 -26.67
N SER A 35 -3.82 8.86 -27.27
CA SER A 35 -2.39 9.14 -27.30
C SER A 35 -1.70 9.32 -25.97
N LEU A 36 -2.44 9.68 -24.94
CA LEU A 36 -1.81 9.86 -23.62
C LEU A 36 -1.84 8.59 -22.75
N GLY A 37 -2.21 7.48 -23.38
CA GLY A 37 -2.26 6.13 -22.80
C GLY A 37 -2.75 5.98 -21.37
N ARG A 38 -1.85 5.47 -20.53
CA ARG A 38 -2.13 5.23 -19.11
C ARG A 38 -2.56 6.45 -18.29
N LEU A 39 -2.21 7.62 -18.79
CA LEU A 39 -2.58 8.87 -18.16
C LEU A 39 -4.08 9.08 -18.34
N GLU A 40 -4.61 8.57 -19.45
CA GLU A 40 -6.05 8.68 -19.71
C GLU A 40 -6.83 7.71 -18.87
N THR A 41 -6.30 6.47 -18.83
CA THR A 41 -6.92 5.42 -18.05
C THR A 41 -6.91 5.80 -16.59
N LEU A 42 -5.83 6.43 -16.15
CA LEU A 42 -5.76 6.82 -14.75
C LEU A 42 -6.86 7.82 -14.42
N ALA A 43 -6.95 8.87 -15.26
CA ALA A 43 -7.96 9.92 -15.10
C ALA A 43 -9.39 9.33 -15.02
N VAL A 44 -9.68 8.37 -15.89
CA VAL A 44 -11.00 7.76 -15.87
C VAL A 44 -11.22 7.01 -14.56
N GLN A 45 -10.17 6.36 -14.11
CA GLN A 45 -10.25 5.63 -12.88
C GLN A 45 -10.60 6.52 -11.69
N LEU A 46 -9.91 7.64 -11.62
CA LEU A 46 -10.17 8.59 -10.56
C LEU A 46 -11.62 9.12 -10.59
N ALA A 47 -12.06 9.46 -11.80
CA ALA A 47 -13.40 9.99 -12.01
C ALA A 47 -14.47 9.06 -11.44
N GLY A 48 -14.17 7.77 -11.48
CA GLY A 48 -15.12 6.81 -10.98
C GLY A 48 -15.19 6.72 -9.45
N MET A 49 -14.23 7.34 -8.74
CA MET A 49 -14.18 7.30 -7.26
C MET A 49 -15.09 8.33 -6.59
N PRO A 50 -16.14 7.83 -5.95
CA PRO A 50 -17.17 8.65 -5.32
C PRO A 50 -16.71 9.77 -4.41
N GLY A 51 -15.65 9.54 -3.65
CA GLY A 51 -15.12 10.59 -2.78
C GLY A 51 -14.49 11.77 -3.56
N LEU A 52 -14.34 11.60 -4.88
CA LEU A 52 -13.74 12.59 -5.74
C LEU A 52 -14.77 13.48 -6.44
N ASN A 53 -16.04 13.26 -6.20
CA ASN A 53 -16.92 14.22 -6.83
C ASN A 53 -17.02 14.30 -8.38
N GLY A 54 -17.01 13.12 -8.99
CA GLY A 54 -17.23 12.94 -10.41
C GLY A 54 -16.16 13.44 -11.35
N THR A 55 -15.00 13.73 -10.81
CA THR A 55 -13.98 14.23 -11.69
C THR A 55 -12.62 13.91 -11.14
N PRO A 56 -11.61 13.79 -12.00
CA PRO A 56 -10.28 13.51 -11.52
C PRO A 56 -9.75 14.75 -10.84
N GLN A 57 -9.50 14.68 -9.56
CA GLN A 57 -9.00 15.83 -8.83
C GLN A 57 -8.18 15.37 -7.65
N VAL A 58 -7.27 16.24 -7.23
CA VAL A 58 -6.41 15.96 -6.10
C VAL A 58 -6.43 17.17 -5.18
N GLY A 59 -6.84 16.95 -3.93
CA GLY A 59 -6.84 18.02 -2.95
C GLY A 59 -5.60 17.83 -2.10
N GLU A 60 -5.80 17.52 -0.83
CA GLU A 60 -4.62 17.26 -0.01
C GLU A 60 -4.21 15.81 -0.14
N LYS A 61 -2.92 15.57 0.11
CA LYS A 61 -2.28 14.27 0.03
C LYS A 61 -1.60 13.90 1.34
N ALA A 62 -1.68 12.62 1.68
CA ALA A 62 -1.05 12.14 2.90
C ALA A 62 -0.44 10.77 2.69
N VAL A 63 0.73 10.56 3.28
CA VAL A 63 1.36 9.27 3.26
C VAL A 63 1.30 8.72 4.67
N LEU A 64 0.62 7.59 4.84
CA LEU A 64 0.51 6.94 6.16
C LEU A 64 1.57 5.85 6.29
N VAL A 65 2.43 5.98 7.30
CA VAL A 65 3.51 5.02 7.51
C VAL A 65 3.27 4.19 8.76
N MET A 66 3.07 2.87 8.57
CA MET A 66 2.81 1.95 9.67
C MET A 66 4.08 1.34 10.21
N CYS A 67 4.36 1.56 11.50
CA CYS A 67 5.59 1.06 12.08
C CYS A 67 5.37 -0.02 13.12
N ALA A 68 6.20 -1.06 13.05
CA ALA A 68 6.06 -2.16 13.97
C ALA A 68 7.22 -3.13 13.88
N ASP A 69 7.46 -3.83 15.00
CA ASP A 69 8.51 -4.83 15.07
C ASP A 69 7.93 -6.23 14.94
N HIS A 70 8.78 -7.16 14.56
CA HIS A 70 8.40 -8.55 14.33
C HIS A 70 9.27 -9.53 15.11
N GLY A 71 8.64 -10.51 15.75
CA GLY A 71 9.39 -11.51 16.53
C GLY A 71 10.30 -12.34 15.65
N VAL A 72 9.92 -12.50 14.39
CA VAL A 72 10.70 -13.28 13.45
C VAL A 72 12.11 -12.72 13.24
N TRP A 73 12.32 -11.50 13.69
CA TRP A 73 13.65 -10.94 13.58
C TRP A 73 14.68 -11.88 14.22
N ASP A 74 14.23 -12.52 15.31
CA ASP A 74 15.09 -13.44 16.04
C ASP A 74 15.57 -14.66 15.27
N GLU A 75 14.92 -14.91 14.12
CA GLU A 75 15.26 -16.05 13.27
C GLU A 75 16.47 -15.75 12.36
N GLY A 76 17.06 -14.56 12.49
CA GLY A 76 18.21 -14.22 11.67
C GLY A 76 17.89 -13.88 10.22
N VAL A 77 16.65 -13.47 9.96
CA VAL A 77 16.18 -13.12 8.62
C VAL A 77 16.49 -11.68 8.18
N ALA A 78 17.05 -10.86 9.09
CA ALA A 78 17.35 -9.46 8.78
C ALA A 78 18.65 -8.96 9.40
N VAL A 79 19.42 -8.26 8.56
CA VAL A 79 20.71 -7.72 8.94
C VAL A 79 20.63 -6.37 9.66
N SER A 80 19.51 -5.69 9.51
CA SER A 80 19.34 -4.42 10.21
C SER A 80 19.08 -4.64 11.70
N PRO A 81 19.75 -3.87 12.53
CA PRO A 81 19.51 -3.96 13.96
C PRO A 81 18.04 -3.66 14.27
N LYS A 82 17.47 -4.43 15.18
CA LYS A 82 16.07 -4.30 15.56
C LYS A 82 15.67 -2.89 15.89
N ILE A 83 16.55 -2.20 16.59
CA ILE A 83 16.34 -0.83 17.02
C ILE A 83 16.13 0.18 15.90
N VAL A 84 16.56 -0.16 14.69
CA VAL A 84 16.38 0.77 13.61
C VAL A 84 14.92 1.20 13.47
N THR A 85 13.96 0.29 13.71
CA THR A 85 12.56 0.67 13.59
C THR A 85 12.23 1.89 14.43
N ALA A 86 12.61 1.83 15.71
CA ALA A 86 12.36 2.90 16.64
C ALA A 86 13.10 4.17 16.23
N ILE A 87 14.36 3.97 15.81
CA ILE A 87 15.18 5.12 15.41
C ILE A 87 14.59 5.87 14.24
N GLN A 88 14.29 5.11 13.19
CA GLN A 88 13.72 5.63 11.98
C GLN A 88 12.34 6.24 12.21
N ALA A 89 11.57 5.63 13.10
CA ALA A 89 10.25 6.19 13.38
C ALA A 89 10.39 7.61 13.92
N ALA A 90 11.34 7.81 14.85
CA ALA A 90 11.62 9.13 15.38
C ALA A 90 12.09 10.07 14.27
N ASN A 91 12.98 9.56 13.41
CA ASN A 91 13.47 10.35 12.27
C ASN A 91 12.34 10.83 11.36
N MET A 92 11.28 10.03 11.29
CA MET A 92 10.15 10.41 10.46
C MET A 92 9.55 11.69 10.99
N THR A 93 9.68 11.89 12.31
CA THR A 93 9.13 13.11 12.90
C THR A 93 9.98 14.33 12.61
N ARG A 94 11.24 14.08 12.19
CA ARG A 94 12.19 15.15 11.88
C ARG A 94 12.26 15.47 10.40
N GLY A 95 11.60 14.65 9.58
CA GLY A 95 11.56 14.87 8.14
C GLY A 95 12.88 14.61 7.42
N THR A 96 13.74 13.78 7.99
CA THR A 96 15.02 13.52 7.35
C THR A 96 15.05 12.22 6.59
N THR A 97 13.93 11.49 6.66
CA THR A 97 13.85 10.20 5.98
C THR A 97 13.51 10.30 4.49
N GLY A 98 13.71 9.17 3.82
CA GLY A 98 13.46 9.11 2.37
C GLY A 98 12.02 9.48 2.00
N VAL A 99 11.04 8.88 2.68
CA VAL A 99 9.66 9.19 2.33
C VAL A 99 9.34 10.63 2.68
N CYS A 100 9.95 11.10 3.77
CA CYS A 100 9.76 12.48 4.21
C CYS A 100 10.21 13.46 3.13
N VAL A 101 11.40 13.22 2.62
CA VAL A 101 11.98 14.07 1.59
C VAL A 101 11.17 14.02 0.30
N LEU A 102 10.76 12.83 -0.08
CA LEU A 102 9.97 12.66 -1.28
C LEU A 102 8.55 13.19 -1.13
N ALA A 103 7.96 13.07 0.06
CA ALA A 103 6.62 13.60 0.28
C ALA A 103 6.63 15.11 0.15
N ALA A 104 7.63 15.75 0.79
CA ALA A 104 7.76 17.20 0.74
C ALA A 104 7.84 17.67 -0.69
N GLN A 105 8.59 16.93 -1.48
CA GLN A 105 8.72 17.24 -2.89
C GLN A 105 7.34 17.22 -3.57
N ALA A 106 6.49 16.22 -3.20
CA ALA A 106 5.13 16.06 -3.75
C ALA A 106 4.07 16.90 -3.06
N GLY A 107 4.44 17.56 -1.98
CA GLY A 107 3.49 18.39 -1.27
C GLY A 107 2.51 17.57 -0.45
N ALA A 108 2.97 16.39 -0.03
CA ALA A 108 2.18 15.48 0.78
C ALA A 108 2.63 15.50 2.25
N LYS A 109 1.71 15.16 3.15
CA LYS A 109 2.07 15.13 4.55
C LYS A 109 2.23 13.70 4.99
N VAL A 110 3.23 13.48 5.79
CA VAL A 110 3.51 12.16 6.30
C VAL A 110 2.95 11.95 7.70
N HIS A 111 2.21 10.86 7.86
CA HIS A 111 1.63 10.49 9.13
C HIS A 111 2.31 9.22 9.58
N VAL A 112 3.02 9.29 10.71
CA VAL A 112 3.75 8.17 11.28
C VAL A 112 2.89 7.52 12.33
N ILE A 113 2.62 6.25 12.15
CA ILE A 113 1.77 5.55 13.08
C ILE A 113 2.45 4.34 13.69
N ASP A 114 2.48 4.32 14.99
CA ASP A 114 3.08 3.21 15.66
C ASP A 114 2.01 2.19 15.96
N VAL A 115 2.09 1.05 15.27
CA VAL A 115 1.14 -0.04 15.48
C VAL A 115 1.76 -1.19 16.28
N GLY A 116 3.01 -1.05 16.68
CA GLY A 116 3.64 -2.12 17.46
C GLY A 116 5.16 -2.14 17.49
N ILE A 117 5.78 -0.98 17.69
CA ILE A 117 7.22 -0.90 17.77
C ILE A 117 7.65 -1.42 19.12
N ASP A 118 8.72 -2.21 19.16
CA ASP A 118 9.21 -2.76 20.41
C ASP A 118 10.25 -1.82 21.06
N ALA A 119 9.72 -0.77 21.65
CA ALA A 119 10.47 0.27 22.30
C ALA A 119 9.51 1.17 23.05
N GLU A 120 10.02 2.13 23.79
CA GLU A 120 9.10 3.02 24.44
C GLU A 120 8.42 3.87 23.38
N PRO A 121 7.30 4.45 23.75
CA PRO A 121 6.55 5.30 22.86
C PRO A 121 7.39 6.48 22.39
N ILE A 122 7.17 6.89 21.15
CA ILE A 122 7.89 8.00 20.56
C ILE A 122 7.00 9.21 20.45
N PRO A 123 7.43 10.27 21.10
CA PRO A 123 6.62 11.46 21.05
C PRO A 123 6.50 11.96 19.63
N GLY A 124 5.31 12.37 19.25
CA GLY A 124 5.11 12.89 17.91
C GLY A 124 4.56 11.86 16.96
N VAL A 125 4.69 10.59 17.35
CA VAL A 125 4.18 9.50 16.54
C VAL A 125 2.76 9.11 16.96
N VAL A 126 1.86 8.89 15.99
CA VAL A 126 0.49 8.48 16.32
C VAL A 126 0.54 7.11 17.00
N ASN A 127 -0.04 7.05 18.17
CA ASN A 127 -0.02 5.84 18.94
C ASN A 127 -1.23 4.91 18.75
N MET A 128 -1.02 3.77 18.10
CA MET A 128 -2.04 2.76 17.93
C MET A 128 -1.42 1.39 18.20
N ARG A 129 -0.45 1.39 19.10
CA ARG A 129 0.31 0.21 19.41
C ARG A 129 -0.47 -0.98 19.89
N VAL A 130 -0.29 -2.08 19.20
CA VAL A 130 -0.98 -3.30 19.58
C VAL A 130 -0.26 -3.97 20.69
N ALA A 131 1.02 -4.16 20.45
CA ALA A 131 1.93 -4.77 21.39
C ALA A 131 3.34 -4.36 21.07
N ARG A 132 4.29 -4.74 21.91
CA ARG A 132 5.67 -4.40 21.66
C ARG A 132 6.24 -5.45 20.72
N GLY A 133 5.95 -5.31 19.42
CA GLY A 133 6.36 -6.28 18.42
C GLY A 133 5.34 -7.43 18.35
N CYS A 134 5.16 -8.05 17.18
CA CYS A 134 4.21 -9.17 17.02
C CYS A 134 4.91 -10.50 17.32
N GLY A 135 4.12 -11.60 17.39
CA GLY A 135 4.67 -12.92 17.64
C GLY A 135 5.57 -13.39 16.50
N ASN A 136 6.54 -14.25 16.84
CA ASN A 136 7.47 -14.83 15.89
C ASN A 136 6.71 -15.85 15.05
N ILE A 137 6.42 -15.47 13.83
CA ILE A 137 5.63 -16.32 12.94
C ILE A 137 6.22 -17.68 12.70
N ALA A 138 7.52 -17.82 12.93
CA ALA A 138 8.14 -19.12 12.73
C ALA A 138 7.61 -20.19 13.67
N VAL A 139 7.15 -19.82 14.87
CA VAL A 139 6.73 -20.83 15.81
C VAL A 139 5.29 -20.71 16.24
N GLY A 140 4.60 -19.75 15.64
CA GLY A 140 3.21 -19.52 15.99
C GLY A 140 2.71 -18.32 15.25
N PRO A 141 1.50 -17.87 15.59
CA PRO A 141 0.92 -16.74 14.90
C PRO A 141 1.51 -15.42 15.34
N ALA A 142 1.42 -14.45 14.45
CA ALA A 142 1.90 -13.11 14.74
C ALA A 142 1.00 -12.44 15.80
N MET A 143 -0.30 -12.74 15.76
CA MET A 143 -1.24 -12.14 16.69
C MET A 143 -2.55 -12.89 16.65
N SER A 144 -3.52 -12.41 17.44
CA SER A 144 -4.85 -12.98 17.47
C SER A 144 -5.75 -12.35 16.41
N ARG A 145 -6.74 -13.10 15.98
CA ARG A 145 -7.68 -12.60 14.98
C ARG A 145 -8.36 -11.33 15.47
N LEU A 146 -8.66 -11.33 16.77
CA LEU A 146 -9.31 -10.20 17.38
C LEU A 146 -8.45 -8.98 17.23
N GLN A 147 -7.16 -9.17 17.51
CA GLN A 147 -6.18 -8.09 17.42
C GLN A 147 -6.09 -7.54 16.01
N ALA A 148 -6.15 -8.44 15.04
CA ALA A 148 -6.09 -8.02 13.65
C ALA A 148 -7.32 -7.21 13.26
N GLU A 149 -8.48 -7.75 13.62
CA GLU A 149 -9.73 -7.09 13.32
C GLU A 149 -9.84 -5.70 13.91
N ALA A 150 -9.47 -5.58 15.17
CA ALA A 150 -9.54 -4.31 15.84
C ALA A 150 -8.61 -3.27 15.22
N LEU A 151 -7.40 -3.70 14.88
CA LEU A 151 -6.47 -2.77 14.25
C LEU A 151 -6.98 -2.34 12.87
N LEU A 152 -7.53 -3.29 12.12
CA LEU A 152 -8.09 -2.98 10.83
C LEU A 152 -9.10 -1.85 10.99
N LEU A 153 -10.00 -2.11 11.93
CA LEU A 153 -11.06 -1.18 12.24
C LEU A 153 -10.53 0.19 12.62
N GLU A 154 -9.59 0.20 13.54
CA GLU A 154 -9.01 1.43 14.00
C GLU A 154 -8.32 2.23 12.91
N VAL A 155 -7.47 1.57 12.12
CA VAL A 155 -6.76 2.28 11.05
C VAL A 155 -7.71 2.83 9.98
N SER A 156 -8.70 2.00 9.63
CA SER A 156 -9.72 2.29 8.63
C SER A 156 -10.38 3.61 8.94
N ARG A 157 -10.76 3.72 10.21
CA ARG A 157 -11.44 4.89 10.70
C ARG A 157 -10.56 6.12 10.64
N TYR A 158 -9.32 5.97 11.10
CA TYR A 158 -8.39 7.07 11.08
C TYR A 158 -8.26 7.61 9.66
N THR A 159 -8.20 6.67 8.74
CA THR A 159 -8.05 6.98 7.33
C THR A 159 -9.18 7.84 6.78
N CYS A 160 -10.41 7.34 6.97
CA CYS A 160 -11.63 7.99 6.48
C CYS A 160 -11.80 9.38 7.16
N ASP A 161 -11.34 9.45 8.41
CA ASP A 161 -11.38 10.68 9.16
C ASP A 161 -10.53 11.74 8.48
N LEU A 162 -9.35 11.36 7.96
CA LEU A 162 -8.52 12.35 7.27
C LEU A 162 -9.27 12.92 6.10
N ALA A 163 -10.06 12.07 5.46
CA ALA A 163 -10.83 12.50 4.32
C ALA A 163 -11.64 13.73 4.66
N GLN A 164 -12.23 13.68 5.84
CA GLN A 164 -13.05 14.76 6.33
C GLN A 164 -12.28 16.08 6.48
N ARG A 165 -10.97 16.01 6.39
CA ARG A 165 -10.13 17.19 6.53
C ARG A 165 -9.45 17.61 5.22
N GLY A 166 -10.03 17.22 4.08
CA GLY A 166 -9.49 17.60 2.78
C GLY A 166 -8.56 16.60 2.10
N VAL A 167 -8.15 15.53 2.78
CA VAL A 167 -7.27 14.62 2.08
C VAL A 167 -8.05 13.88 1.02
N THR A 168 -7.49 13.81 -0.18
CA THR A 168 -8.19 13.13 -1.26
C THR A 168 -7.34 12.02 -1.88
N LEU A 169 -6.08 11.98 -1.48
CA LEU A 169 -5.16 11.00 -2.03
C LEU A 169 -4.25 10.45 -0.97
N PHE A 170 -4.30 9.15 -0.83
CA PHE A 170 -3.47 8.49 0.16
C PHE A 170 -2.36 7.70 -0.50
N GLY A 171 -1.33 7.53 0.30
CA GLY A 171 -0.15 6.78 -0.04
C GLY A 171 0.06 5.92 1.18
N VAL A 172 0.55 4.73 0.97
CA VAL A 172 0.70 3.83 2.08
C VAL A 172 2.15 3.36 2.21
N GLY A 173 2.63 3.26 3.44
CA GLY A 173 4.00 2.82 3.67
C GLY A 173 4.18 2.13 5.03
N GLU A 174 5.37 1.56 5.25
CA GLU A 174 5.72 0.86 6.48
C GLU A 174 7.18 1.09 6.89
N LEU A 175 7.46 0.59 8.07
CA LEU A 175 8.77 0.61 8.69
C LEU A 175 8.75 -0.53 9.71
N GLY A 176 9.61 -1.54 9.52
CA GLY A 176 9.66 -2.68 10.44
C GLY A 176 10.74 -3.65 9.99
N MET A 177 11.83 -3.68 10.77
CA MET A 177 12.95 -4.57 10.46
C MET A 177 12.42 -6.01 10.38
N ALA A 178 12.88 -6.76 9.39
CA ALA A 178 12.44 -8.15 9.18
C ALA A 178 11.08 -8.31 8.49
N ASN A 179 10.41 -7.18 8.18
CA ASN A 179 9.10 -7.26 7.57
C ASN A 179 8.95 -7.93 6.20
N THR A 180 10.05 -8.11 5.46
CA THR A 180 9.94 -8.75 4.15
C THR A 180 9.71 -10.26 4.30
N THR A 181 9.93 -10.75 5.51
CA THR A 181 9.70 -12.16 5.77
C THR A 181 8.19 -12.48 5.83
N PRO A 182 7.41 -11.79 6.67
CA PRO A 182 5.97 -12.04 6.69
C PRO A 182 5.35 -11.68 5.34
N ALA A 183 5.91 -10.67 4.66
CA ALA A 183 5.37 -10.29 3.36
C ALA A 183 5.53 -11.45 2.38
N ALA A 184 6.70 -12.06 2.37
CA ALA A 184 6.87 -13.18 1.46
C ALA A 184 5.92 -14.34 1.81
N ALA A 185 5.74 -14.59 3.11
CA ALA A 185 4.84 -15.66 3.53
C ALA A 185 3.45 -15.42 3.00
N MET A 186 2.94 -14.19 3.20
CA MET A 186 1.62 -13.85 2.69
C MET A 186 1.52 -14.03 1.19
N VAL A 187 2.50 -13.52 0.47
CA VAL A 187 2.50 -13.65 -0.97
C VAL A 187 2.43 -15.11 -1.39
N SER A 188 3.30 -15.90 -0.77
CA SER A 188 3.35 -17.30 -1.05
C SER A 188 1.99 -17.94 -0.90
N VAL A 189 1.33 -17.64 0.22
CA VAL A 189 0.01 -18.15 0.56
C VAL A 189 -1.10 -17.67 -0.38
N PHE A 190 -1.14 -16.38 -0.63
CA PHE A 190 -2.18 -15.88 -1.49
C PHE A 190 -2.04 -16.31 -2.95
N THR A 191 -0.78 -16.43 -3.42
CA THR A 191 -0.58 -16.76 -4.83
C THR A 191 -0.35 -18.24 -5.08
N GLY A 192 -0.08 -18.98 -4.03
CA GLY A 192 0.20 -20.40 -4.17
C GLY A 192 1.58 -20.62 -4.79
N SER A 193 2.48 -19.66 -4.59
CA SER A 193 3.82 -19.79 -5.12
C SER A 193 4.70 -20.39 -4.06
N ASP A 194 5.75 -21.07 -4.47
CA ASP A 194 6.65 -21.61 -3.49
C ASP A 194 7.51 -20.51 -2.90
N ALA A 195 7.85 -20.65 -1.62
CA ALA A 195 8.68 -19.69 -0.93
C ALA A 195 9.94 -19.26 -1.67
N LYS A 196 10.69 -20.21 -2.21
CA LYS A 196 11.91 -19.85 -2.90
C LYS A 196 11.65 -18.78 -3.97
N GLU A 197 10.51 -18.88 -4.63
CA GLU A 197 10.16 -17.96 -5.70
C GLU A 197 9.87 -16.53 -5.27
N VAL A 198 9.39 -16.37 -4.06
CA VAL A 198 9.00 -15.06 -3.63
C VAL A 198 9.86 -14.47 -2.53
N VAL A 199 10.81 -15.22 -2.02
CA VAL A 199 11.65 -14.66 -0.98
C VAL A 199 12.82 -13.86 -1.55
N GLY A 200 12.94 -12.56 -1.14
CA GLY A 200 14.02 -11.71 -1.63
C GLY A 200 15.09 -11.33 -0.60
N ILE A 201 16.01 -10.45 -1.00
CA ILE A 201 17.07 -10.02 -0.09
C ILE A 201 16.65 -8.94 0.92
N GLY A 202 15.43 -8.44 0.77
CA GLY A 202 14.98 -7.44 1.72
C GLY A 202 16.00 -6.31 1.80
N ALA A 203 16.39 -5.93 3.01
CA ALA A 203 17.36 -4.85 3.10
C ALA A 203 18.78 -5.36 3.11
N ASN A 204 19.24 -5.75 1.96
CA ASN A 204 20.60 -6.20 1.82
C ASN A 204 20.93 -7.49 2.56
N LEU A 205 20.05 -8.45 2.54
CA LEU A 205 20.38 -9.70 3.18
C LEU A 205 21.44 -10.43 2.33
N PRO A 206 22.54 -10.87 2.94
CA PRO A 206 23.58 -11.57 2.18
C PRO A 206 23.07 -12.83 1.48
N PRO A 207 23.58 -13.04 0.27
CA PRO A 207 23.15 -14.16 -0.53
C PRO A 207 23.20 -15.51 0.20
N SER A 208 24.16 -15.65 1.08
CA SER A 208 24.30 -16.88 1.83
C SER A 208 23.10 -17.17 2.72
N ARG A 209 22.70 -16.14 3.48
CA ARG A 209 21.60 -16.13 4.45
C ARG A 209 20.19 -16.35 3.88
N ILE A 210 20.08 -16.43 2.55
CA ILE A 210 18.80 -16.61 1.92
C ILE A 210 18.10 -17.92 2.25
N ASP A 211 18.84 -19.00 2.15
CA ASP A 211 18.27 -20.30 2.43
C ASP A 211 17.54 -20.32 3.76
N ASN A 212 18.15 -19.70 4.76
CA ASN A 212 17.52 -19.69 6.06
C ASN A 212 16.18 -18.92 6.05
N LYS A 213 16.17 -17.81 5.32
CA LYS A 213 14.99 -17.00 5.18
C LYS A 213 13.87 -17.83 4.53
N VAL A 214 14.22 -18.62 3.51
CA VAL A 214 13.24 -19.47 2.83
C VAL A 214 12.69 -20.53 3.78
N ASP A 215 13.59 -21.13 4.54
CA ASP A 215 13.16 -22.14 5.50
C ASP A 215 12.21 -21.56 6.53
N VAL A 216 12.49 -20.33 6.98
CA VAL A 216 11.65 -19.65 7.96
C VAL A 216 10.22 -19.43 7.46
N VAL A 217 10.11 -19.01 6.19
CA VAL A 217 8.80 -18.79 5.59
C VAL A 217 7.99 -20.08 5.53
N ARG A 218 8.64 -21.14 5.05
CA ARG A 218 7.99 -22.43 4.96
C ARG A 218 7.50 -22.88 6.32
N ARG A 219 8.40 -22.73 7.32
CA ARG A 219 8.05 -23.12 8.65
C ARG A 219 6.83 -22.37 9.15
N ALA A 220 6.83 -21.07 8.89
CA ALA A 220 5.72 -20.23 9.31
C ALA A 220 4.41 -20.74 8.73
N ILE A 221 4.46 -21.11 7.47
CA ILE A 221 3.27 -21.61 6.81
C ILE A 221 2.80 -22.98 7.34
N ALA A 222 3.76 -23.89 7.44
CA ALA A 222 3.47 -25.22 7.91
C ALA A 222 2.83 -25.18 9.29
N ILE A 223 3.48 -24.43 10.17
CA ILE A 223 3.02 -24.35 11.54
C ILE A 223 1.66 -23.68 11.75
N ASN A 224 1.43 -22.58 11.06
CA ASN A 224 0.19 -21.85 11.24
C ASN A 224 -0.95 -22.32 10.38
N GLN A 225 -0.62 -22.87 9.22
CA GLN A 225 -1.73 -23.33 8.38
C GLN A 225 -2.75 -22.24 8.09
N PRO A 226 -2.28 -21.13 7.59
CA PRO A 226 -3.18 -20.04 7.28
C PRO A 226 -4.08 -20.40 6.11
N ASN A 227 -5.33 -19.97 6.18
CA ASN A 227 -6.28 -20.23 5.12
C ASN A 227 -6.30 -19.09 4.10
N PRO A 228 -5.82 -19.44 2.91
CA PRO A 228 -5.70 -18.51 1.81
C PRO A 228 -7.01 -17.86 1.41
N ARG A 229 -8.11 -18.50 1.71
CA ARG A 229 -9.34 -17.89 1.33
C ARG A 229 -9.83 -16.93 2.40
N ASP A 230 -9.06 -16.80 3.47
CA ASP A 230 -9.43 -15.90 4.55
C ASP A 230 -8.31 -14.90 4.82
N GLY A 231 -8.38 -13.72 4.19
CA GLY A 231 -7.38 -12.67 4.31
C GLY A 231 -7.06 -12.29 5.75
N ILE A 232 -8.08 -12.22 6.59
CA ILE A 232 -7.83 -11.89 7.97
C ILE A 232 -7.09 -13.02 8.67
N ASP A 233 -7.36 -14.26 8.23
CA ASP A 233 -6.69 -15.41 8.83
C ASP A 233 -5.21 -15.38 8.47
N VAL A 234 -4.93 -15.03 7.24
CA VAL A 234 -3.57 -14.99 6.79
C VAL A 234 -2.78 -13.91 7.50
N LEU A 235 -3.34 -12.70 7.50
CA LEU A 235 -2.72 -11.56 8.15
C LEU A 235 -2.37 -11.83 9.59
N SER A 236 -3.32 -12.43 10.32
CA SER A 236 -3.13 -12.64 11.74
C SER A 236 -2.08 -13.69 12.08
N LYS A 237 -1.98 -14.66 11.20
CA LYS A 237 -1.10 -15.79 11.41
C LYS A 237 0.31 -15.54 10.98
N VAL A 238 0.44 -15.19 9.71
CA VAL A 238 1.75 -14.98 9.13
C VAL A 238 2.08 -13.55 8.70
N GLY A 239 1.24 -12.58 9.09
CA GLY A 239 1.51 -11.18 8.74
C GLY A 239 2.24 -10.44 9.89
N GLY A 240 1.87 -9.18 10.12
CA GLY A 240 2.42 -8.34 11.17
C GLY A 240 1.51 -7.14 11.37
N PHE A 241 1.73 -6.38 12.46
CA PHE A 241 0.94 -5.18 12.75
C PHE A 241 1.05 -4.13 11.65
N ASP A 242 2.27 -3.98 11.16
CA ASP A 242 2.50 -3.02 10.11
C ASP A 242 1.70 -3.41 8.84
N LEU A 243 1.77 -4.71 8.47
CA LEU A 243 1.04 -5.25 7.32
C LEU A 243 -0.48 -5.07 7.50
N VAL A 244 -0.92 -5.36 8.71
CA VAL A 244 -2.32 -5.19 9.04
C VAL A 244 -2.71 -3.74 8.87
N GLY A 245 -1.93 -2.82 9.44
CA GLY A 245 -2.24 -1.41 9.33
C GLY A 245 -2.39 -0.93 7.88
N MET A 246 -1.46 -1.36 7.01
CA MET A 246 -1.48 -0.98 5.59
C MET A 246 -2.80 -1.44 4.92
N THR A 247 -3.18 -2.68 5.25
CA THR A 247 -4.43 -3.20 4.72
C THR A 247 -5.58 -2.32 5.19
N GLY A 248 -5.50 -1.89 6.46
CA GLY A 248 -6.51 -1.02 7.05
C GLY A 248 -6.60 0.31 6.32
N VAL A 249 -5.48 0.82 5.81
CA VAL A 249 -5.55 2.08 5.08
C VAL A 249 -6.35 1.91 3.77
N MET A 250 -6.07 0.81 3.12
CA MET A 250 -6.72 0.45 1.90
C MET A 250 -8.19 0.25 2.13
N LEU A 251 -8.53 -0.41 3.24
CA LEU A 251 -9.97 -0.61 3.48
C LEU A 251 -10.65 0.72 3.75
N GLY A 252 -9.95 1.57 4.51
CA GLY A 252 -10.49 2.86 4.88
C GLY A 252 -10.69 3.81 3.69
N ALA A 253 -9.70 3.88 2.80
CA ALA A 253 -9.80 4.75 1.64
C ALA A 253 -10.93 4.29 0.74
N ALA A 254 -11.05 2.99 0.58
CA ALA A 254 -12.11 2.49 -0.28
C ALA A 254 -13.50 2.84 0.26
N ARG A 255 -13.69 2.57 1.55
CA ARG A 255 -14.96 2.88 2.17
C ARG A 255 -15.27 4.38 1.97
N CYS A 256 -14.24 5.20 2.07
CA CYS A 256 -14.36 6.63 1.91
C CYS A 256 -14.50 7.00 0.43
N GLY A 257 -14.34 6.01 -0.45
CA GLY A 257 -14.44 6.24 -1.90
C GLY A 257 -13.25 7.00 -2.48
N LEU A 258 -12.08 6.81 -1.87
CA LEU A 258 -10.90 7.53 -2.33
C LEU A 258 -9.77 6.59 -2.75
N PRO A 259 -8.86 7.16 -3.56
CA PRO A 259 -7.72 6.43 -4.10
C PRO A 259 -6.54 6.33 -3.13
N VAL A 260 -5.83 5.22 -3.28
CA VAL A 260 -4.65 4.90 -2.53
C VAL A 260 -3.56 4.45 -3.45
N LEU A 261 -2.40 5.06 -3.27
CA LEU A 261 -1.24 4.66 -4.03
C LEU A 261 -0.50 3.60 -3.24
N LEU A 262 -0.21 2.49 -3.91
CA LEU A 262 0.58 1.41 -3.33
C LEU A 262 2.05 1.85 -3.31
N ASP A 263 2.89 1.13 -2.57
CA ASP A 263 4.31 1.42 -2.51
C ASP A 263 5.05 0.28 -3.20
N GLY A 264 5.81 -0.49 -2.41
CA GLY A 264 6.56 -1.64 -2.91
C GLY A 264 6.03 -2.99 -2.44
N PHE A 265 6.97 -3.93 -2.30
CA PHE A 265 6.70 -5.31 -1.93
C PHE A 265 5.78 -5.52 -0.75
N LEU A 266 6.12 -4.85 0.35
CA LEU A 266 5.32 -4.96 1.56
C LEU A 266 3.87 -4.57 1.28
N SER A 267 3.71 -3.49 0.54
CA SER A 267 2.39 -3.00 0.17
C SER A 267 1.66 -3.95 -0.75
N TYR A 268 2.37 -4.66 -1.63
CA TYR A 268 1.67 -5.61 -2.47
C TYR A 268 1.03 -6.71 -1.62
N SER A 269 1.76 -7.18 -0.59
CA SER A 269 1.28 -8.21 0.31
C SER A 269 -0.05 -7.81 0.94
N ALA A 270 -0.07 -6.57 1.47
CA ALA A 270 -1.21 -5.96 2.13
C ALA A 270 -2.36 -5.79 1.16
N ALA A 271 -2.01 -5.50 -0.08
CA ALA A 271 -3.04 -5.34 -1.08
C ALA A 271 -3.71 -6.68 -1.41
N LEU A 272 -2.93 -7.74 -1.43
CA LEU A 272 -3.52 -9.05 -1.69
C LEU A 272 -4.55 -9.41 -0.62
N ALA A 273 -4.17 -9.12 0.61
CA ALA A 273 -5.01 -9.38 1.77
C ALA A 273 -6.28 -8.57 1.67
N ALA A 274 -6.14 -7.30 1.39
CA ALA A 274 -7.28 -6.42 1.28
C ALA A 274 -8.26 -6.86 0.17
N CYS A 275 -7.72 -7.27 -0.94
CA CYS A 275 -8.55 -7.71 -2.04
C CYS A 275 -9.25 -9.01 -1.74
N GLN A 276 -8.60 -9.83 -0.92
CA GLN A 276 -9.18 -11.11 -0.52
C GLN A 276 -10.33 -10.86 0.44
N ILE A 277 -10.09 -9.94 1.35
CA ILE A 277 -11.07 -9.55 2.33
C ILE A 277 -12.24 -8.87 1.67
N ALA A 278 -11.97 -7.98 0.71
CA ALA A 278 -13.00 -7.22 0.02
C ALA A 278 -12.58 -6.83 -1.37
N PRO A 279 -13.06 -7.58 -2.33
CA PRO A 279 -12.74 -7.34 -3.71
C PRO A 279 -13.12 -5.96 -4.17
N ALA A 280 -14.12 -5.39 -3.49
CA ALA A 280 -14.61 -4.08 -3.82
C ALA A 280 -13.51 -3.05 -3.63
N VAL A 281 -12.45 -3.46 -2.94
CA VAL A 281 -11.35 -2.54 -2.71
C VAL A 281 -10.51 -2.23 -3.95
N ARG A 282 -10.45 -3.23 -4.83
CA ARG A 282 -9.58 -3.18 -6.00
C ARG A 282 -9.55 -1.91 -6.85
N PRO A 283 -10.72 -1.42 -7.20
CA PRO A 283 -10.82 -0.26 -8.05
C PRO A 283 -10.23 1.03 -7.48
N TYR A 284 -9.98 1.02 -6.19
CA TYR A 284 -9.42 2.21 -5.54
C TYR A 284 -7.91 2.21 -5.48
N LEU A 285 -7.29 1.05 -5.76
CA LEU A 285 -5.83 0.92 -5.68
C LEU A 285 -5.11 1.41 -6.92
N ILE A 286 -4.00 2.11 -6.71
CA ILE A 286 -3.21 2.62 -7.82
C ILE A 286 -1.77 2.20 -7.57
N PRO A 287 -1.16 1.49 -8.51
CA PRO A 287 0.23 1.09 -8.33
C PRO A 287 1.15 2.32 -8.44
N SER A 288 2.36 2.26 -7.89
CA SER A 288 3.29 3.35 -8.04
C SER A 288 4.50 2.83 -8.83
N HIS A 289 5.36 2.07 -8.14
CA HIS A 289 6.56 1.57 -8.74
C HIS A 289 6.65 0.07 -8.70
N PHE A 290 7.67 -0.42 -9.41
CA PHE A 290 7.97 -1.83 -9.51
C PHE A 290 9.15 -2.19 -8.60
N SER A 291 8.84 -2.67 -7.38
CA SER A 291 9.85 -3.03 -6.39
C SER A 291 10.89 -4.01 -6.93
N ALA A 292 12.13 -3.79 -6.48
CA ALA A 292 13.26 -4.65 -6.82
C ALA A 292 13.26 -5.96 -6.03
N GLU A 293 12.28 -6.15 -5.14
CA GLU A 293 12.20 -7.41 -4.38
C GLU A 293 11.86 -8.54 -5.37
N LYS A 294 12.54 -9.68 -5.19
CA LYS A 294 12.35 -10.86 -6.03
C LYS A 294 10.90 -11.25 -6.30
N GLY A 295 10.07 -11.24 -5.26
CA GLY A 295 8.70 -11.67 -5.39
C GLY A 295 7.75 -10.63 -5.99
N ALA A 296 8.27 -9.46 -6.36
CA ALA A 296 7.42 -8.42 -6.91
C ALA A 296 6.55 -8.83 -8.11
N ARG A 297 7.19 -9.41 -9.14
CA ARG A 297 6.46 -9.79 -10.34
C ARG A 297 5.26 -10.67 -10.08
N ILE A 298 5.46 -11.69 -9.24
CA ILE A 298 4.39 -12.63 -8.90
C ILE A 298 3.25 -11.93 -8.20
N ALA A 299 3.61 -11.16 -7.18
CA ALA A 299 2.61 -10.43 -6.43
C ALA A 299 1.77 -9.49 -7.31
N LEU A 300 2.43 -8.75 -8.20
CA LEU A 300 1.76 -7.79 -9.09
C LEU A 300 0.84 -8.46 -10.10
N ALA A 301 1.26 -9.65 -10.53
CA ALA A 301 0.52 -10.43 -11.50
C ALA A 301 -0.80 -10.84 -10.90
N HIS A 302 -0.73 -11.22 -9.64
CA HIS A 302 -1.94 -11.62 -8.95
C HIS A 302 -2.86 -10.45 -8.65
N LEU A 303 -2.30 -9.25 -8.61
CA LEU A 303 -3.11 -8.05 -8.37
C LEU A 303 -3.54 -7.54 -9.73
N SER A 304 -2.96 -8.10 -10.80
CA SER A 304 -3.24 -7.65 -12.16
C SER A 304 -2.89 -6.17 -12.28
N MET A 305 -1.74 -5.80 -11.76
CA MET A 305 -1.30 -4.39 -11.80
C MET A 305 0.01 -4.21 -12.53
N GLU A 306 0.16 -3.09 -13.21
CA GLU A 306 1.39 -2.79 -13.92
C GLU A 306 1.87 -1.42 -13.44
N PRO A 307 2.91 -1.38 -12.60
CA PRO A 307 3.34 -0.10 -12.09
C PRO A 307 3.76 0.91 -13.16
N TYR A 308 3.72 2.20 -12.81
CA TYR A 308 4.14 3.22 -13.72
C TYR A 308 5.64 3.45 -13.72
N LEU A 309 6.26 3.32 -12.56
CA LEU A 309 7.67 3.60 -12.38
C LEU A 309 8.56 2.41 -12.22
N HIS A 310 9.67 2.41 -12.96
CA HIS A 310 10.67 1.36 -12.90
C HIS A 310 11.94 2.01 -12.38
N MET A 311 12.12 2.00 -11.06
CA MET A 311 13.26 2.68 -10.45
C MET A 311 14.18 1.78 -9.68
N ALA A 312 13.88 0.48 -9.67
CA ALA A 312 14.64 -0.51 -8.91
C ALA A 312 14.72 -0.13 -7.45
N MET A 313 13.64 0.46 -6.96
CA MET A 313 13.61 0.86 -5.58
C MET A 313 13.21 -0.27 -4.66
N ARG A 314 13.76 -0.21 -3.45
CA ARG A 314 13.49 -1.22 -2.42
C ARG A 314 13.71 -0.65 -1.02
N LEU A 315 13.34 0.60 -0.82
CA LEU A 315 13.53 1.19 0.47
C LEU A 315 12.33 0.99 1.37
N GLY A 316 11.15 1.17 0.79
CA GLY A 316 9.90 1.10 1.53
C GLY A 316 9.55 2.50 2.04
N GLU A 317 8.90 2.54 3.22
CA GLU A 317 8.47 3.76 3.92
C GLU A 317 7.37 4.49 3.20
N GLY A 318 7.01 4.02 2.01
CA GLY A 318 6.01 4.74 1.26
C GLY A 318 6.73 5.67 0.28
N SER A 319 8.04 5.49 0.11
CA SER A 319 8.80 6.35 -0.78
C SER A 319 8.35 6.30 -2.26
N GLY A 320 8.00 5.09 -2.75
CA GLY A 320 7.51 4.89 -4.11
C GLY A 320 6.16 5.59 -4.27
N ALA A 321 5.30 5.46 -3.24
CA ALA A 321 3.99 6.11 -3.25
C ALA A 321 4.13 7.62 -3.44
N ALA A 322 5.02 8.21 -2.66
CA ALA A 322 5.23 9.65 -2.73
C ALA A 322 5.73 10.08 -4.11
N LEU A 323 6.61 9.27 -4.65
CA LEU A 323 7.21 9.54 -5.92
C LEU A 323 6.20 9.52 -7.06
N ALA A 324 5.15 8.71 -6.92
CA ALA A 324 4.11 8.66 -7.97
C ALA A 324 3.02 9.72 -7.88
N MET A 325 2.95 10.39 -6.75
CA MET A 325 1.89 11.40 -6.58
C MET A 325 1.81 12.43 -7.72
N PRO A 326 2.95 12.87 -8.22
CA PRO A 326 2.93 13.84 -9.28
C PRO A 326 2.26 13.29 -10.55
N ILE A 327 2.32 11.98 -10.70
CA ILE A 327 1.70 11.38 -11.85
C ILE A 327 0.19 11.51 -11.75
N VAL A 328 -0.31 11.31 -10.54
CA VAL A 328 -1.72 11.44 -10.31
C VAL A 328 -2.17 12.86 -10.62
N GLU A 329 -1.42 13.82 -10.12
CA GLU A 329 -1.72 15.22 -10.39
C GLU A 329 -1.63 15.54 -11.88
N ALA A 330 -0.74 14.86 -12.58
CA ALA A 330 -0.61 15.08 -14.02
C ALA A 330 -1.87 14.68 -14.78
N ALA A 331 -2.45 13.55 -14.40
CA ALA A 331 -3.64 13.09 -15.08
C ALA A 331 -4.78 14.08 -14.89
N CYS A 332 -4.82 14.70 -13.72
CA CYS A 332 -5.86 15.70 -13.41
C CYS A 332 -5.67 16.97 -14.22
N ALA A 333 -4.40 17.39 -14.29
CA ALA A 333 -3.99 18.57 -15.03
C ALA A 333 -4.36 18.41 -16.48
N MET A 334 -4.03 17.24 -17.00
CA MET A 334 -4.33 16.92 -18.36
C MET A 334 -5.82 17.12 -18.59
N PHE A 335 -6.63 16.44 -17.75
CA PHE A 335 -8.08 16.45 -17.80
C PHE A 335 -8.69 17.84 -17.75
N HIS A 336 -8.19 18.65 -16.83
CA HIS A 336 -8.75 19.96 -16.67
C HIS A 336 -8.17 21.08 -17.49
N ASN A 337 -6.90 21.02 -17.81
CA ASN A 337 -6.33 22.17 -18.46
C ASN A 337 -6.03 22.09 -19.95
N MET A 338 -6.19 20.93 -20.57
CA MET A 338 -5.92 20.93 -22.00
C MET A 338 -7.08 21.51 -22.79
N GLY A 339 -6.76 22.07 -23.97
CA GLY A 339 -7.76 22.59 -24.89
C GLY A 339 -8.48 21.43 -25.61
N GLU A 340 -9.46 21.78 -26.45
CA GLU A 340 -10.28 20.81 -27.19
C GLU A 340 -10.13 20.86 -28.69
N LEU A 341 -10.15 19.68 -29.28
CA LEU A 341 -10.03 19.54 -30.71
C LEU A 341 -10.99 20.45 -31.48
N ALA A 342 -12.25 20.37 -31.08
CA ALA A 342 -13.31 21.11 -31.73
C ALA A 342 -13.09 22.60 -31.74
N ALA A 343 -12.48 23.08 -30.67
CA ALA A 343 -12.20 24.49 -30.55
C ALA A 343 -11.15 24.94 -31.57
N SER A 344 -10.34 23.99 -32.02
CA SER A 344 -9.32 24.28 -33.01
C SER A 344 -9.75 23.85 -34.40
N ASN A 345 -10.99 23.42 -34.51
CA ASN A 345 -11.49 22.98 -35.77
C ASN A 345 -10.67 21.82 -36.28
N ILE A 346 -10.15 21.04 -35.34
CA ILE A 346 -9.39 19.91 -35.78
C ILE A 346 -10.30 18.70 -35.87
N VAL A 347 -10.35 18.12 -37.04
CA VAL A 347 -11.18 16.95 -37.25
C VAL A 347 -10.33 15.76 -37.62
N LEU A 348 -10.44 14.71 -36.83
CA LEU A 348 -9.70 13.50 -37.15
C LEU A 348 -10.67 12.40 -37.54
N PRO A 349 -10.12 11.26 -37.93
CA PRO A 349 -10.93 10.11 -38.29
C PRO A 349 -11.01 9.16 -37.09
P PO4 B . 14.09 -6.65 5.83
O1 PO4 B . 13.66 -5.56 4.93
O2 PO4 B . 14.39 -6.04 7.13
O3 PO4 B . 15.35 -7.19 5.28
O4 PO4 B . 13.05 -7.68 5.92
CB PCR C . 18.74 1.14 7.82
CG PCR C . 17.35 1.48 7.35
CD1 PCR C . 16.40 0.48 7.17
CE1 PCR C . 15.11 0.82 6.72
CD2 PCR C . 17.01 2.82 7.11
CE2 PCR C . 15.73 3.16 6.66
CZ PCR C . 14.77 2.16 6.46
OH PCR C . 13.51 2.50 6.04
N NIO D . 12.02 -3.05 2.34
C1 NIO D . 11.01 -2.63 1.54
C2 NIO D . 10.97 -3.08 0.23
C3 NIO D . 11.96 -3.99 -0.28
C4 NIO D . 12.95 -4.34 0.65
C5 NIO D . 13.05 -3.93 1.96
C6 NIO D . 9.84 -2.61 -0.69
O1 NIO D . 9.79 -3.02 -1.90
O2 NIO D . 8.96 -1.85 -0.24
#